data_4L3U
#
_entry.id   4L3U
#
_cell.length_a   61.739
_cell.length_b   61.739
_cell.length_c   94.886
_cell.angle_alpha   90.000
_cell.angle_beta   90.000
_cell.angle_gamma   90.000
#
_symmetry.space_group_name_H-M   'I 41'
#
loop_
_entity.id
_entity.type
_entity.pdbx_description
1 polymer 'Uncharacterized protein'
2 non-polymer 'CHLORIDE ION'
3 water water
#
_entity_poly.entity_id   1
_entity_poly.type   'polypeptide(L)'
_entity_poly.pdbx_seq_one_letter_code
;GQKTENKTE(MSE)SIQNSNSIVIQQLEKFKAQDHFAGDGQLYTGVQNSALR(MSE)SLNQKVADTAQAFIALYQQKNEP
TKAELLQVLANGISQIDPDKLDTEDREQVATTFESFLDIVGLESSEGILNKWVYGEEISKLLEQDKH
;
_entity_poly.pdbx_strand_id   A
#
# COMPACT_ATOMS: atom_id res chain seq x y z
N GLN A 13 12.40 14.96 15.18
CA GLN A 13 12.77 13.60 15.55
C GLN A 13 11.65 12.95 16.35
N ASN A 14 10.71 13.78 16.80
CA ASN A 14 9.51 13.31 17.48
C ASN A 14 8.49 12.80 16.46
N SER A 15 8.34 13.54 15.36
CA SER A 15 7.48 13.13 14.26
C SER A 15 7.93 11.76 13.76
N ASN A 16 9.25 11.55 13.77
CA ASN A 16 9.88 10.30 13.34
C ASN A 16 9.33 9.08 14.09
N SER A 17 9.21 9.20 15.41
CA SER A 17 8.70 8.13 16.25
C SER A 17 7.19 7.93 16.10
N ILE A 18 6.47 9.02 15.82
CA ILE A 18 5.02 8.97 15.65
C ILE A 18 4.66 8.21 14.39
N VAL A 19 5.28 8.60 13.28
CA VAL A 19 5.05 7.93 12.01
C VAL A 19 5.33 6.43 12.18
N ILE A 20 6.42 6.10 12.86
CA ILE A 20 6.76 4.70 13.11
C ILE A 20 5.65 4.00 13.91
N GLN A 21 5.06 4.70 14.88
CA GLN A 21 3.97 4.11 15.67
C GLN A 21 2.76 3.87 14.79
N GLN A 22 2.48 4.79 13.87
CA GLN A 22 1.38 4.64 12.94
C GLN A 22 1.60 3.43 12.04
N LEU A 23 2.84 3.26 11.58
CA LEU A 23 3.19 2.17 10.67
C LEU A 23 3.13 0.81 11.36
N GLU A 24 3.56 0.77 12.61
CA GLU A 24 3.53 -0.46 13.37
C GLU A 24 2.11 -0.93 13.58
N LYS A 25 1.22 0.00 13.91
CA LYS A 25 -0.18 -0.32 14.11
C LYS A 25 -0.79 -0.74 12.79
N PHE A 26 -0.53 0.05 11.75
CA PHE A 26 -1.03 -0.23 10.41
C PHE A 26 -0.61 -1.60 9.93
N LYS A 27 0.63 -1.96 10.21
CA LYS A 27 1.19 -3.24 9.79
C LYS A 27 0.39 -4.43 10.33
N ALA A 28 -0.17 -4.28 11.53
CA ALA A 28 -0.83 -5.39 12.23
C ALA A 28 -2.31 -5.53 11.89
N GLN A 29 -2.83 -4.60 11.10
CA GLN A 29 -4.25 -4.60 10.79
C GLN A 29 -4.55 -5.51 9.60
N ASP A 30 -5.79 -5.98 9.53
CA ASP A 30 -6.30 -6.65 8.35
C ASP A 30 -6.87 -5.57 7.47
N HIS A 31 -6.31 -5.41 6.28
CA HIS A 31 -6.70 -4.33 5.39
C HIS A 31 -7.72 -4.74 4.33
N PHE A 32 -8.25 -5.95 4.45
CA PHE A 32 -9.07 -6.53 3.40
C PHE A 32 -10.32 -7.22 3.95
N ALA A 33 -10.91 -6.59 4.95
CA ALA A 33 -12.17 -7.05 5.51
C ALA A 33 -13.31 -6.27 4.90
N GLY A 34 -14.53 -6.76 5.08
CA GLY A 34 -15.70 -6.07 4.58
C GLY A 34 -15.91 -4.77 5.33
N ASP A 35 -16.21 -3.68 4.61
CA ASP A 35 -16.35 -2.38 5.24
C ASP A 35 -17.79 -2.14 5.70
N GLY A 36 -18.63 -3.16 5.58
CA GLY A 36 -20.02 -3.06 5.98
C GLY A 36 -20.84 -2.48 4.84
N GLN A 37 -20.24 -1.60 4.05
CA GLN A 37 -20.92 -1.00 2.92
C GLN A 37 -20.74 -1.89 1.69
N LEU A 38 -20.00 -1.42 0.69
CA LEU A 38 -19.97 -2.06 -0.62
C LEU A 38 -18.77 -2.98 -0.83
N TYR A 39 -17.82 -2.93 0.09
CA TYR A 39 -16.66 -3.82 0.02
C TYR A 39 -16.86 -5.04 0.88
N THR A 40 -16.80 -6.22 0.26
CA THR A 40 -17.10 -7.48 0.93
C THR A 40 -15.86 -8.09 1.59
N GLY A 41 -14.68 -7.73 1.11
CA GLY A 41 -13.43 -8.26 1.62
C GLY A 41 -12.92 -9.41 0.79
N VAL A 42 -11.66 -9.77 0.99
CA VAL A 42 -11.06 -10.88 0.28
C VAL A 42 -11.53 -12.18 0.91
N GLN A 43 -12.18 -13.01 0.11
CA GLN A 43 -12.77 -14.25 0.61
C GLN A 43 -11.74 -15.36 0.78
N ASN A 44 -10.87 -15.56 -0.21
CA ASN A 44 -9.84 -16.58 -0.10
C ASN A 44 -8.88 -16.24 1.04
N SER A 45 -8.94 -17.02 2.11
CA SER A 45 -8.18 -16.74 3.31
C SER A 45 -6.68 -16.77 3.07
N ALA A 46 -6.24 -17.69 2.22
CA ALA A 46 -4.84 -17.79 1.88
C ALA A 46 -4.42 -16.51 1.18
N LEU A 47 -5.28 -16.02 0.30
CA LEU A 47 -4.99 -14.81 -0.47
C LEU A 47 -4.99 -13.57 0.41
N ARG A 48 -5.99 -13.46 1.29
CA ARG A 48 -6.09 -12.28 2.16
C ARG A 48 -4.85 -12.17 3.03
N SER A 50 -1.94 -13.49 2.51
CA SER A 50 -0.83 -13.20 1.61
C SER A 50 -0.76 -11.70 1.30
N LEU A 51 -1.93 -11.07 1.21
CA LEU A 51 -2.02 -9.64 0.90
C LEU A 51 -1.65 -8.76 2.09
N ASN A 52 -2.18 -9.10 3.27
CA ASN A 52 -1.82 -8.38 4.48
C ASN A 52 -0.32 -8.45 4.73
N GLN A 53 0.28 -9.59 4.36
CA GLN A 53 1.72 -9.76 4.52
C GLN A 53 2.50 -8.81 3.61
N LYS A 54 2.09 -8.72 2.35
CA LYS A 54 2.71 -7.80 1.41
C LYS A 54 2.59 -6.35 1.88
N VAL A 55 1.45 -6.02 2.50
CA VAL A 55 1.24 -4.69 3.06
C VAL A 55 2.16 -4.51 4.25
N ALA A 56 2.25 -5.55 5.07
CA ALA A 56 3.11 -5.52 6.24
C ALA A 56 4.56 -5.33 5.81
N ASP A 57 4.94 -5.94 4.70
CA ASP A 57 6.32 -5.83 4.20
C ASP A 57 6.66 -4.39 3.84
N THR A 58 5.74 -3.70 3.18
CA THR A 58 5.95 -2.30 2.79
C THR A 58 5.98 -1.41 4.02
N ALA A 59 5.09 -1.68 4.97
CA ALA A 59 5.08 -0.95 6.23
C ALA A 59 6.42 -1.09 6.94
N GLN A 60 6.98 -2.30 6.93
CA GLN A 60 8.24 -2.56 7.61
C GLN A 60 9.41 -1.90 6.88
N ALA A 61 9.28 -1.75 5.58
CA ALA A 61 10.28 -1.06 4.77
C ALA A 61 10.35 0.43 5.14
N PHE A 62 9.19 1.05 5.30
CA PHE A 62 9.11 2.46 5.70
C PHE A 62 9.71 2.66 7.09
N ILE A 63 9.47 1.72 7.99
CA ILE A 63 9.99 1.80 9.35
C ILE A 63 11.52 1.81 9.32
N ALA A 64 12.08 0.90 8.52
CA ALA A 64 13.53 0.79 8.39
C ALA A 64 14.13 2.09 7.85
N LEU A 65 13.37 2.76 7.00
CA LEU A 65 13.81 4.03 6.43
C LEU A 65 13.85 5.10 7.52
N TYR A 66 12.76 5.24 8.26
CA TYR A 66 12.68 6.26 9.31
C TYR A 66 13.64 5.98 10.46
N GLN A 67 14.02 4.72 10.64
CA GLN A 67 14.98 4.36 11.66
C GLN A 67 16.40 4.77 11.26
N GLN A 68 16.65 4.82 9.96
CA GLN A 68 17.98 5.17 9.46
C GLN A 68 18.07 6.62 8.99
N LYS A 69 16.93 7.31 8.99
CA LYS A 69 16.84 8.65 8.44
C LYS A 69 15.82 9.44 9.25
N ASN A 70 16.26 10.52 9.88
CA ASN A 70 15.35 11.33 10.70
C ASN A 70 14.20 11.89 9.88
N GLU A 71 14.52 12.45 8.71
CA GLU A 71 13.53 13.04 7.83
C GLU A 71 13.70 12.55 6.40
N PRO A 72 13.07 11.40 6.07
CA PRO A 72 13.12 10.86 4.69
C PRO A 72 12.59 11.83 3.64
N THR A 73 13.25 11.86 2.48
CA THR A 73 12.83 12.74 1.39
C THR A 73 11.62 12.17 0.66
N LYS A 74 10.94 13.00 -0.13
CA LYS A 74 9.76 12.57 -0.87
C LYS A 74 10.13 11.46 -1.83
N ALA A 75 11.30 11.59 -2.47
CA ALA A 75 11.75 10.61 -3.44
C ALA A 75 12.03 9.28 -2.78
N GLU A 76 12.59 9.32 -1.57
CA GLU A 76 12.87 8.11 -0.80
C GLU A 76 11.57 7.41 -0.43
N LEU A 77 10.63 8.18 0.09
CA LEU A 77 9.34 7.63 0.48
C LEU A 77 8.61 7.05 -0.73
N LEU A 78 8.77 7.68 -1.89
CA LEU A 78 8.07 7.25 -3.09
C LEU A 78 8.62 5.94 -3.63
N GLN A 79 9.92 5.75 -3.54
CA GLN A 79 10.53 4.51 -4.01
C GLN A 79 10.09 3.32 -3.17
N VAL A 80 10.01 3.52 -1.86
CA VAL A 80 9.54 2.46 -0.96
C VAL A 80 8.10 2.09 -1.30
N LEU A 81 7.31 3.11 -1.60
CA LEU A 81 5.92 2.90 -2.01
C LEU A 81 5.87 2.11 -3.32
N ALA A 82 6.63 2.57 -4.32
CA ALA A 82 6.64 1.97 -5.65
C ALA A 82 7.14 0.53 -5.63
N ASN A 83 8.17 0.27 -4.84
CA ASN A 83 8.71 -1.07 -4.72
C ASN A 83 7.77 -1.97 -3.96
N GLY A 84 7.06 -1.43 -2.98
CA GLY A 84 6.13 -2.21 -2.19
C GLY A 84 4.98 -2.71 -3.02
N ILE A 85 4.44 -1.85 -3.88
CA ILE A 85 3.29 -2.19 -4.71
C ILE A 85 3.66 -3.10 -5.88
N SER A 86 4.87 -2.94 -6.41
CA SER A 86 5.30 -3.76 -7.53
C SER A 86 5.44 -5.23 -7.15
N GLN A 87 5.44 -5.52 -5.84
CA GLN A 87 5.56 -6.90 -5.36
C GLN A 87 4.28 -7.69 -5.52
N ILE A 88 3.21 -6.98 -5.87
CA ILE A 88 1.89 -7.59 -6.01
C ILE A 88 1.46 -7.59 -7.48
N ASP A 89 1.30 -8.79 -8.03
CA ASP A 89 0.88 -8.97 -9.42
C ASP A 89 -0.60 -8.63 -9.57
N PRO A 90 -0.93 -7.55 -10.32
CA PRO A 90 -2.34 -7.16 -10.45
C PRO A 90 -3.19 -8.17 -11.23
N ASP A 91 -2.55 -9.09 -11.93
CA ASP A 91 -3.27 -10.09 -12.71
C ASP A 91 -3.76 -11.27 -11.85
N LYS A 92 -3.50 -11.21 -10.55
CA LYS A 92 -3.90 -12.28 -9.63
C LYS A 92 -5.12 -11.88 -8.78
N LEU A 93 -5.59 -10.64 -8.95
CA LEU A 93 -6.70 -10.09 -8.16
C LEU A 93 -7.86 -9.58 -9.03
N ASP A 94 -9.07 -9.63 -8.49
CA ASP A 94 -10.22 -9.04 -9.19
C ASP A 94 -10.21 -7.53 -9.00
N THR A 95 -11.14 -6.84 -9.65
CA THR A 95 -11.17 -5.40 -9.61
C THR A 95 -11.37 -4.87 -8.19
N GLU A 96 -12.32 -5.43 -7.45
CA GLU A 96 -12.62 -4.94 -6.11
C GLU A 96 -11.43 -5.09 -5.18
N ASP A 97 -10.70 -6.19 -5.35
CA ASP A 97 -9.52 -6.43 -4.52
C ASP A 97 -8.39 -5.48 -4.91
N ARG A 98 -8.24 -5.19 -6.19
CA ARG A 98 -7.22 -4.25 -6.62
C ARG A 98 -7.50 -2.85 -6.09
N GLU A 99 -8.78 -2.47 -6.05
CA GLU A 99 -9.17 -1.16 -5.57
C GLU A 99 -8.88 -1.02 -4.07
N GLN A 100 -9.05 -2.12 -3.34
CA GLN A 100 -8.81 -2.10 -1.91
C GLN A 100 -7.32 -1.99 -1.61
N VAL A 101 -6.49 -2.58 -2.45
CA VAL A 101 -5.05 -2.50 -2.31
C VAL A 101 -4.59 -1.06 -2.53
N ALA A 102 -5.16 -0.40 -3.52
CA ALA A 102 -4.85 1.00 -3.81
C ALA A 102 -5.26 1.89 -2.64
N THR A 103 -6.46 1.69 -2.12
CA THR A 103 -6.95 2.45 -0.98
C THR A 103 -6.03 2.25 0.21
N THR A 104 -5.61 1.01 0.42
CA THR A 104 -4.71 0.66 1.53
C THR A 104 -3.38 1.39 1.38
N PHE A 105 -2.84 1.44 0.17
CA PHE A 105 -1.57 2.10 -0.07
C PHE A 105 -1.70 3.62 -0.03
N GLU A 106 -2.92 4.12 -0.25
CA GLU A 106 -3.16 5.55 -0.17
C GLU A 106 -2.99 6.00 1.28
N SER A 107 -3.27 5.10 2.21
CA SER A 107 -3.12 5.39 3.63
C SER A 107 -1.66 5.65 3.96
N PHE A 108 -0.76 4.93 3.28
CA PHE A 108 0.68 5.17 3.44
C PHE A 108 1.02 6.60 3.09
N LEU A 109 0.46 7.08 1.98
CA LEU A 109 0.70 8.45 1.54
C LEU A 109 0.39 9.43 2.65
N ASP A 110 -0.76 9.22 3.29
CA ASP A 110 -1.20 10.09 4.38
CA ASP A 110 -1.20 10.08 4.38
C ASP A 110 -0.24 9.98 5.56
N ILE A 111 0.16 8.76 5.89
CA ILE A 111 1.06 8.53 7.03
C ILE A 111 2.41 9.21 6.85
N VAL A 112 3.08 8.97 5.72
CA VAL A 112 4.44 9.48 5.52
C VAL A 112 4.47 10.89 4.93
N GLY A 113 3.28 11.47 4.76
CA GLY A 113 3.18 12.84 4.29
C GLY A 113 3.57 13.01 2.83
N LEU A 114 3.27 12.00 2.03
CA LEU A 114 3.54 12.05 0.60
C LEU A 114 2.26 12.43 -0.11
N GLU A 115 2.31 13.45 -0.95
CA GLU A 115 1.10 13.96 -1.58
C GLU A 115 0.54 13.03 -2.65
N SER A 116 1.41 12.60 -3.56
CA SER A 116 0.99 11.80 -4.71
C SER A 116 1.84 10.55 -4.85
N SER A 117 1.34 9.59 -5.62
CA SER A 117 2.12 8.42 -5.99
C SER A 117 2.64 8.57 -7.43
N GLU A 118 2.61 9.79 -7.95
CA GLU A 118 3.12 10.09 -9.29
C GLU A 118 2.47 9.20 -10.34
N GLY A 119 1.19 8.89 -10.14
CA GLY A 119 0.42 8.10 -11.08
C GLY A 119 0.73 6.62 -11.03
N ILE A 120 1.53 6.19 -10.05
CA ILE A 120 1.94 4.80 -9.94
C ILE A 120 0.78 3.88 -9.54
N LEU A 121 -0.04 4.35 -8.61
CA LEU A 121 -1.16 3.54 -8.13
C LEU A 121 -2.25 3.33 -9.18
N ASN A 122 -2.57 4.36 -9.96
CA ASN A 122 -3.55 4.19 -11.02
C ASN A 122 -3.04 3.28 -12.12
N LYS A 123 -1.75 3.39 -12.44
CA LYS A 123 -1.15 2.58 -13.50
C LYS A 123 -1.19 1.11 -13.09
N TRP A 124 -1.06 0.87 -11.79
CA TRP A 124 -1.10 -0.48 -11.26
C TRP A 124 -2.51 -1.06 -11.37
N VAL A 125 -3.51 -0.27 -11.00
CA VAL A 125 -4.90 -0.73 -11.00
C VAL A 125 -5.45 -0.95 -12.41
N TYR A 126 -5.23 0.02 -13.30
CA TYR A 126 -5.87 0.01 -14.62
C TYR A 126 -4.91 -0.29 -15.78
N GLY A 127 -3.63 -0.42 -15.48
CA GLY A 127 -2.63 -0.67 -16.52
C GLY A 127 -2.91 -1.95 -17.28
N GLU A 128 -2.63 -3.07 -16.63
CA GLU A 128 -2.78 -4.38 -17.27
C GLU A 128 -4.21 -4.61 -17.76
N GLU A 129 -5.18 -4.00 -17.08
CA GLU A 129 -6.57 -4.11 -17.49
C GLU A 129 -6.81 -3.45 -18.85
N ILE A 130 -6.37 -2.21 -19.00
CA ILE A 130 -6.55 -1.50 -20.26
C ILE A 130 -5.69 -2.12 -21.36
N SER A 131 -4.51 -2.61 -21.00
CA SER A 131 -3.65 -3.28 -21.96
C SER A 131 -4.33 -4.51 -22.56
N LYS A 132 -4.96 -5.31 -21.69
CA LYS A 132 -5.67 -6.52 -22.12
C LYS A 132 -6.95 -6.19 -22.86
N LEU A 133 -7.57 -5.07 -22.52
CA LEU A 133 -8.76 -4.57 -23.22
C LEU A 133 -8.39 -4.18 -24.65
N LEU A 134 -7.28 -3.47 -24.81
CA LEU A 134 -6.81 -3.04 -26.12
C LEU A 134 -6.18 -4.18 -26.93
N GLU A 135 -5.86 -5.29 -26.27
CA GLU A 135 -5.28 -6.46 -26.93
C GLU A 135 -6.36 -7.46 -27.31
#